data_5HGZ
#
_entry.id   5HGZ
#
_cell.length_a   53.287
_cell.length_b   57.365
_cell.length_c   68.818
_cell.angle_alpha   90.00
_cell.angle_beta   90.00
_cell.angle_gamma   90.00
#
_symmetry.space_group_name_H-M   'P 21 21 21'
#
loop_
_entity.id
_entity.type
_entity.pdbx_description
1 polymer 'N-alpha-acetyltransferase 60'
2 non-polymer 'ACETYL COENZYME *A'
3 non-polymer 'MALONIC ACID'
4 water water
#
_entity_poly.entity_id   1
_entity_poly.type   'polypeptide(L)'
_entity_poly.pdbx_seq_one_letter_code
;SMTEEERSSALSEVSLRLLCHDDIDTVKHLCGDWFPIEYPDSWYRDITSNKKFFSLAATYRGAIVGMIVAEIKNRTKIHK
EDGDILASNFSVDTQVAYILSLGVVKEFRKHGIGSLLLESLKDHISTTAQDHCKAIYLHVLTTNNTAINFYENRDFKQHH
YLPYYYSIRGVLKDGFTYVLYINGGHPPWTILDYIQHLGSALASLSPCSIPHRVYRQAHSLLCSFLPWSGISSKSGIEYS
RTM
;
_entity_poly.pdbx_strand_id   A
#
loop_
_chem_comp.id
_chem_comp.type
_chem_comp.name
_chem_comp.formula
ACO non-polymer 'ACETYL COENZYME *A' 'C23 H38 N7 O17 P3 S'
MLA non-polymer 'MALONIC ACID' 'C3 H4 O4'
#
# COMPACT_ATOMS: atom_id res chain seq x y z
N MET A 2 4.56 13.67 36.44
CA MET A 2 3.84 14.15 35.27
C MET A 2 2.56 14.89 35.64
N THR A 3 2.50 16.17 35.32
CA THR A 3 1.33 16.98 35.64
C THR A 3 0.12 16.65 34.78
N GLU A 4 -1.06 17.01 35.27
CA GLU A 4 -2.29 16.86 34.51
C GLU A 4 -2.11 17.71 33.28
N GLU A 5 -1.46 18.84 33.45
CA GLU A 5 -1.16 19.70 32.31
C GLU A 5 -0.28 18.95 31.31
N GLU A 6 0.67 18.19 31.83
CA GLU A 6 1.52 17.39 30.95
C GLU A 6 0.72 16.33 30.21
N ARG A 7 -0.23 15.71 30.89
CA ARG A 7 -1.13 14.74 30.26
C ARG A 7 -1.98 15.36 29.16
N SER A 8 -2.52 16.53 29.41
CA SER A 8 -3.35 17.20 28.42
C SER A 8 -2.55 17.53 27.17
N SER A 9 -1.33 17.97 27.34
CA SER A 9 -0.46 18.34 26.22
C SER A 9 -0.20 17.14 25.35
N ALA A 10 -0.04 16.00 25.98
CA ALA A 10 0.35 14.79 25.28
C ALA A 10 -0.67 14.42 24.21
N LEU A 11 -1.93 14.75 24.47
CA LEU A 11 -3.04 14.44 23.59
C LEU A 11 -2.96 15.11 22.22
N SER A 12 -2.23 16.21 22.10
N SER A 12 -2.23 16.21 22.11
CA SER A 12 -2.06 16.90 20.83
CA SER A 12 -2.05 16.91 20.83
C SER A 12 -0.71 16.68 20.16
C SER A 12 -0.71 16.68 20.16
N GLU A 13 0.14 15.89 20.79
CA GLU A 13 1.48 15.61 20.32
C GLU A 13 1.63 14.82 19.01
N VAL A 14 0.77 13.84 18.76
CA VAL A 14 0.83 13.06 17.53
C VAL A 14 -0.23 13.55 16.55
N SER A 15 0.17 13.76 15.31
CA SER A 15 -0.79 14.21 14.32
C SER A 15 -0.38 13.73 12.94
N LEU A 16 -1.24 13.96 11.95
CA LEU A 16 -0.98 13.55 10.59
C LEU A 16 -0.99 14.77 9.65
N ARG A 17 -0.07 14.80 8.71
CA ARG A 17 -0.04 15.84 7.70
C ARG A 17 0.58 15.33 6.41
N LEU A 18 0.26 16.00 5.32
CA LEU A 18 0.88 15.69 4.05
C LEU A 18 2.31 16.19 3.99
N LEU A 19 3.11 15.50 3.21
CA LEU A 19 4.44 15.95 2.94
C LEU A 19 4.45 17.21 2.07
N CYS A 20 5.54 17.95 2.20
CA CYS A 20 5.81 19.13 1.40
C CYS A 20 7.28 19.15 1.00
N HIS A 21 7.62 20.05 0.10
CA HIS A 21 8.97 20.16 -0.44
C HIS A 21 10.04 20.37 0.64
N ASP A 22 9.73 21.11 1.69
CA ASP A 22 10.68 21.35 2.76
C ASP A 22 11.09 20.08 3.49
N ASP A 23 10.26 19.06 3.38
CA ASP A 23 10.49 17.80 4.03
C ASP A 23 11.61 16.93 3.43
N ILE A 24 12.13 17.30 2.26
CA ILE A 24 12.97 16.38 1.52
C ILE A 24 14.18 15.89 2.28
N ASP A 25 14.90 16.79 2.93
CA ASP A 25 16.08 16.33 3.66
C ASP A 25 15.76 15.39 4.81
N THR A 26 14.71 15.68 5.55
CA THR A 26 14.33 14.78 6.60
C THR A 26 13.89 13.43 6.08
N VAL A 27 13.11 13.42 5.02
CA VAL A 27 12.61 12.19 4.45
C VAL A 27 13.77 11.33 3.95
N LYS A 28 14.76 11.94 3.35
CA LYS A 28 15.94 11.17 2.94
C LYS A 28 16.67 10.49 4.10
N HIS A 29 16.84 11.20 5.19
CA HIS A 29 17.49 10.61 6.34
C HIS A 29 16.71 9.44 6.87
N LEU A 30 15.39 9.60 6.98
CA LEU A 30 14.59 8.53 7.51
C LEU A 30 14.62 7.29 6.62
N CYS A 31 14.50 7.52 5.33
CA CYS A 31 14.46 6.44 4.37
C CYS A 31 15.77 5.68 4.35
N GLY A 32 16.85 6.39 4.53
CA GLY A 32 18.15 5.75 4.59
C GLY A 32 18.21 4.77 5.73
N ASP A 33 17.66 5.12 6.88
CA ASP A 33 17.47 4.17 7.96
C ASP A 33 16.42 3.05 7.75
N TRP A 34 15.25 3.39 7.23
CA TRP A 34 14.15 2.43 7.11
C TRP A 34 14.37 1.27 6.16
N PHE A 35 14.99 1.59 5.04
CA PHE A 35 15.11 0.67 3.93
C PHE A 35 16.58 0.46 3.56
N PRO A 36 16.95 -0.79 3.28
CA PRO A 36 18.33 -1.09 2.91
C PRO A 36 18.62 -0.77 1.45
N ILE A 37 17.57 -0.51 0.70
CA ILE A 37 17.70 -0.07 -0.67
C ILE A 37 17.95 1.44 -0.71
N GLU A 38 18.23 1.96 -1.90
CA GLU A 38 18.53 3.36 -2.13
C GLU A 38 17.61 3.99 -3.16
N TYR A 39 17.00 5.11 -2.82
CA TYR A 39 16.17 5.87 -3.74
C TYR A 39 16.90 7.07 -4.28
N PRO A 40 16.70 7.33 -5.56
CA PRO A 40 17.33 8.43 -6.26
C PRO A 40 16.73 9.75 -5.86
N ASP A 41 17.44 10.84 -6.16
CA ASP A 41 16.99 12.16 -5.79
C ASP A 41 15.62 12.48 -6.39
N SER A 42 15.37 11.98 -7.58
CA SER A 42 14.12 12.24 -8.25
C SER A 42 12.93 11.74 -7.43
N TRP A 43 13.08 10.61 -6.76
CA TRP A 43 12.02 10.01 -5.97
C TRP A 43 11.63 10.91 -4.82
N TYR A 44 12.61 11.46 -4.12
CA TYR A 44 12.35 12.33 -2.99
C TYR A 44 11.66 13.60 -3.44
N ARG A 45 12.09 14.15 -4.56
CA ARG A 45 11.46 15.31 -5.10
C ARG A 45 10.02 15.04 -5.54
N ASP A 46 9.78 13.91 -6.19
CA ASP A 46 8.44 13.60 -6.63
C ASP A 46 7.45 13.38 -5.46
N ILE A 47 7.83 12.58 -4.49
CA ILE A 47 6.93 12.21 -3.41
C ILE A 47 6.53 13.38 -2.51
N THR A 48 7.47 14.27 -2.27
CA THR A 48 7.21 15.51 -1.57
C THR A 48 6.44 16.60 -2.29
N SER A 49 6.61 16.72 -3.59
CA SER A 49 6.10 17.87 -4.31
C SER A 49 4.98 17.66 -5.32
N ASN A 50 4.75 16.44 -5.74
CA ASN A 50 3.78 16.22 -6.80
C ASN A 50 2.48 15.76 -6.19
N LYS A 51 1.42 16.47 -6.51
CA LYS A 51 0.13 16.28 -5.89
C LYS A 51 -0.54 14.98 -6.30
N LYS A 52 -0.02 14.35 -7.33
CA LYS A 52 -0.60 13.07 -7.72
C LYS A 52 -0.40 11.99 -6.65
N PHE A 53 0.61 12.17 -5.82
CA PHE A 53 0.85 11.27 -4.70
C PHE A 53 0.07 11.65 -3.45
N PHE A 54 -0.37 10.64 -2.74
CA PHE A 54 -0.83 10.82 -1.38
C PHE A 54 0.35 10.49 -0.50
N SER A 55 0.98 11.52 0.03
CA SER A 55 2.16 11.34 0.86
C SER A 55 1.86 11.83 2.27
N LEU A 56 1.71 10.90 3.17
CA LEU A 56 1.20 11.19 4.48
C LEU A 56 2.21 10.86 5.57
N ALA A 57 2.46 11.85 6.42
CA ALA A 57 3.35 11.68 7.54
C ALA A 57 2.61 11.66 8.87
N ALA A 58 3.06 10.78 9.76
CA ALA A 58 2.75 10.84 11.16
C ALA A 58 3.88 11.61 11.84
N THR A 59 3.50 12.55 12.68
CA THR A 59 4.45 13.40 13.37
C THR A 59 4.26 13.34 14.86
N TYR A 60 5.37 13.49 15.57
CA TYR A 60 5.35 13.56 17.03
C TYR A 60 6.18 14.76 17.46
N ARG A 61 5.54 15.69 18.15
CA ARG A 61 6.16 16.97 18.48
C ARG A 61 6.70 17.66 17.27
N GLY A 62 5.96 17.57 16.18
CA GLY A 62 6.30 18.21 14.94
C GLY A 62 7.23 17.44 14.03
N ALA A 63 7.91 16.43 14.54
CA ALA A 63 8.87 15.70 13.75
C ALA A 63 8.26 14.50 13.08
N ILE A 64 8.67 14.25 11.85
CA ILE A 64 8.16 13.08 11.16
C ILE A 64 8.69 11.80 11.77
N VAL A 65 7.79 10.91 12.14
CA VAL A 65 8.16 9.62 12.68
C VAL A 65 7.68 8.41 11.87
N GLY A 66 6.86 8.66 10.86
CA GLY A 66 6.45 7.61 9.96
C GLY A 66 5.85 8.20 8.73
N MET A 67 5.79 7.45 7.64
CA MET A 67 5.10 7.92 6.47
C MET A 67 4.56 6.78 5.62
N ILE A 68 3.53 7.08 4.86
CA ILE A 68 3.07 6.22 3.78
C ILE A 68 2.92 7.08 2.53
N VAL A 69 3.43 6.60 1.42
CA VAL A 69 3.40 7.30 0.16
C VAL A 69 2.73 6.38 -0.86
N ALA A 70 1.69 6.88 -1.52
CA ALA A 70 0.93 6.08 -2.46
C ALA A 70 0.51 6.86 -3.66
N GLU A 71 0.22 6.16 -4.75
CA GLU A 71 -0.36 6.79 -5.91
C GLU A 71 -1.64 6.07 -6.39
N ILE A 72 -2.75 6.81 -6.46
CA ILE A 72 -3.96 6.32 -7.06
C ILE A 72 -3.81 6.62 -8.52
N LYS A 73 -3.96 5.62 -9.36
CA LYS A 73 -3.69 5.79 -10.78
C LYS A 73 -4.52 4.85 -11.62
N ASN A 74 -4.64 5.13 -12.91
CA ASN A 74 -5.40 4.24 -13.76
C ASN A 74 -4.73 2.89 -13.82
N ARG A 75 -5.54 1.88 -14.05
CA ARG A 75 -5.07 0.51 -14.11
C ARG A 75 -4.02 0.36 -15.20
N THR A 76 -4.11 1.15 -16.26
CA THR A 76 -3.15 1.07 -17.33
C THR A 76 -1.74 1.48 -16.94
N LYS A 77 -1.61 2.21 -15.85
CA LYS A 77 -0.31 2.66 -15.41
C LYS A 77 0.46 1.64 -14.59
N ILE A 78 -0.15 0.51 -14.31
CA ILE A 78 0.56 -0.51 -13.57
C ILE A 78 1.73 -0.96 -14.44
N HIS A 79 2.88 -1.15 -13.85
CA HIS A 79 4.00 -1.63 -14.61
C HIS A 79 3.81 -3.08 -15.03
N LYS A 80 4.48 -3.46 -16.10
CA LYS A 80 4.16 -4.71 -16.76
C LYS A 80 4.33 -5.93 -15.89
N GLU A 81 5.28 -5.91 -14.98
CA GLU A 81 5.48 -7.06 -14.12
C GLU A 81 4.27 -7.37 -13.25
N ASP A 82 3.44 -6.38 -13.01
CA ASP A 82 2.21 -6.58 -12.26
C ASP A 82 0.91 -6.30 -13.03
N GLY A 83 0.99 -6.36 -14.34
CA GLY A 83 -0.11 -6.02 -15.20
C GLY A 83 -1.33 -6.90 -15.05
N ASP A 84 -1.16 -8.07 -14.47
CA ASP A 84 -2.24 -9.02 -14.28
C ASP A 84 -3.01 -8.88 -12.96
N ILE A 85 -2.79 -7.80 -12.22
CA ILE A 85 -3.48 -7.63 -10.95
C ILE A 85 -4.98 -7.51 -11.11
N LEU A 86 -5.42 -6.79 -12.12
CA LEU A 86 -6.84 -6.64 -12.30
C LEU A 86 -7.29 -7.20 -13.63
N ALA A 87 -8.50 -7.70 -13.64
CA ALA A 87 -9.13 -8.15 -14.86
C ALA A 87 -9.19 -6.97 -15.84
N SER A 88 -8.99 -7.25 -17.12
CA SER A 88 -8.95 -6.20 -18.11
C SER A 88 -10.33 -5.75 -18.58
N ASN A 89 -11.38 -6.42 -18.15
CA ASN A 89 -12.74 -6.01 -18.51
C ASN A 89 -13.42 -5.13 -17.47
N PHE A 90 -12.66 -4.72 -16.47
CA PHE A 90 -13.11 -3.66 -15.63
C PHE A 90 -13.09 -2.45 -16.54
N SER A 91 -13.84 -1.44 -16.13
CA SER A 91 -14.01 -0.23 -16.92
C SER A 91 -12.67 0.43 -17.21
N VAL A 92 -12.61 1.16 -18.31
CA VAL A 92 -11.39 1.85 -18.65
C VAL A 92 -11.05 2.91 -17.60
N ASP A 93 -12.02 3.26 -16.77
CA ASP A 93 -11.79 4.26 -15.74
C ASP A 93 -11.29 3.68 -14.42
N THR A 94 -11.07 2.38 -14.39
CA THR A 94 -10.69 1.70 -13.18
C THR A 94 -9.28 2.09 -12.72
N GLN A 95 -9.14 2.21 -11.41
CA GLN A 95 -7.92 2.65 -10.77
C GLN A 95 -7.39 1.65 -9.78
N VAL A 96 -6.13 1.83 -9.44
CA VAL A 96 -5.47 1.08 -8.40
C VAL A 96 -4.66 2.04 -7.54
N ALA A 97 -4.34 1.60 -6.33
CA ALA A 97 -3.45 2.35 -5.48
C ALA A 97 -2.13 1.60 -5.22
N TYR A 98 -1.03 2.23 -5.56
CA TYR A 98 0.26 1.63 -5.36
C TYR A 98 0.89 2.26 -4.16
N ILE A 99 1.35 1.45 -3.22
CA ILE A 99 2.10 1.97 -2.09
C ILE A 99 3.61 1.95 -2.44
N LEU A 100 4.13 3.13 -2.71
CA LEU A 100 5.56 3.32 -2.97
C LEU A 100 6.40 3.03 -1.74
N SER A 101 5.92 3.47 -0.58
CA SER A 101 6.69 3.38 0.65
C SER A 101 5.83 3.38 1.89
N LEU A 102 6.25 2.62 2.89
CA LEU A 102 5.73 2.68 4.23
C LEU A 102 6.88 2.50 5.22
N GLY A 103 7.02 3.40 6.17
CA GLY A 103 8.06 3.29 7.19
C GLY A 103 7.70 3.98 8.48
N VAL A 104 8.24 3.46 9.57
CA VAL A 104 8.08 4.06 10.89
C VAL A 104 9.45 4.02 11.58
N VAL A 105 9.80 5.06 12.30
CA VAL A 105 11.10 5.08 12.94
C VAL A 105 11.15 3.92 13.91
N LYS A 106 12.31 3.28 13.99
CA LYS A 106 12.40 2.01 14.66
C LYS A 106 11.99 2.15 16.11
N GLU A 107 12.31 3.29 16.67
CA GLU A 107 12.05 3.60 18.05
C GLU A 107 10.57 3.56 18.36
N PHE A 108 9.76 3.90 17.37
CA PHE A 108 8.31 4.01 17.50
C PHE A 108 7.49 2.82 16.97
N ARG A 109 8.17 1.77 16.57
CA ARG A 109 7.48 0.61 16.02
C ARG A 109 6.67 -0.19 17.03
N LYS A 110 5.70 -0.95 16.54
CA LYS A 110 4.84 -1.78 17.36
C LYS A 110 4.00 -0.99 18.36
N HIS A 111 3.63 0.22 17.95
CA HIS A 111 2.64 1.04 18.62
C HIS A 111 1.42 1.36 17.78
N GLY A 112 1.28 0.70 16.64
CA GLY A 112 0.14 0.94 15.78
C GLY A 112 0.28 2.04 14.73
N ILE A 113 1.43 2.68 14.65
CA ILE A 113 1.61 3.74 13.66
C ILE A 113 1.53 3.23 12.21
N GLY A 114 2.19 2.13 11.91
CA GLY A 114 2.09 1.60 10.58
C GLY A 114 0.66 1.27 10.24
N SER A 115 -0.04 0.67 11.20
CA SER A 115 -1.43 0.32 10.98
C SER A 115 -2.32 1.53 10.70
N LEU A 116 -2.14 2.59 11.46
CA LEU A 116 -2.91 3.78 11.23
C LEU A 116 -2.58 4.49 9.92
N LEU A 117 -1.33 4.43 9.49
CA LEU A 117 -0.99 4.97 8.21
C LEU A 117 -1.65 4.22 7.05
N LEU A 118 -1.66 2.90 7.14
CA LEU A 118 -2.32 2.09 6.15
C LEU A 118 -3.81 2.34 6.16
N GLU A 119 -4.39 2.43 7.34
CA GLU A 119 -5.81 2.72 7.45
C GLU A 119 -6.15 4.10 6.88
N SER A 120 -5.28 5.07 7.11
CA SER A 120 -5.48 6.39 6.56
C SER A 120 -5.48 6.37 5.03
N LEU A 121 -4.58 5.61 4.43
CA LEU A 121 -4.60 5.48 3.01
C LEU A 121 -5.92 4.88 2.56
N LYS A 122 -6.42 3.88 3.27
CA LYS A 122 -7.70 3.32 2.88
C LYS A 122 -8.84 4.33 3.01
N ASP A 123 -8.80 5.13 4.05
CA ASP A 123 -9.78 6.19 4.23
C ASP A 123 -9.72 7.25 3.12
N HIS A 124 -8.52 7.60 2.71
CA HIS A 124 -8.31 8.52 1.61
C HIS A 124 -8.84 7.98 0.28
N ILE A 125 -8.62 6.69 0.04
CA ILE A 125 -9.16 6.04 -1.14
C ILE A 125 -10.68 6.05 -1.13
N SER A 126 -11.27 5.73 0.01
N SER A 126 -11.27 5.70 -0.01
CA SER A 126 -12.72 5.74 0.16
CA SER A 126 -12.72 5.71 0.10
C SER A 126 -13.28 7.13 -0.06
C SER A 126 -13.30 7.12 -0.05
N THR A 127 -12.62 8.12 0.47
CA THR A 127 -13.03 9.51 0.27
C THR A 127 -12.90 9.99 -1.16
N THR A 128 -11.82 9.62 -1.82
CA THR A 128 -11.40 10.25 -3.06
C THR A 128 -11.75 9.48 -4.31
N ALA A 129 -11.64 8.16 -4.22
CA ALA A 129 -11.73 7.30 -5.39
C ALA A 129 -12.52 6.01 -5.23
N GLN A 130 -13.56 6.00 -4.41
CA GLN A 130 -14.31 4.79 -4.15
C GLN A 130 -15.00 4.22 -5.39
N ASP A 131 -15.37 5.09 -6.29
CA ASP A 131 -16.00 4.72 -7.52
C ASP A 131 -15.14 3.87 -8.42
N HIS A 132 -13.83 4.09 -8.43
CA HIS A 132 -12.99 3.40 -9.38
C HIS A 132 -11.81 2.57 -8.87
N CYS A 133 -11.42 2.77 -7.62
CA CYS A 133 -10.20 2.10 -7.15
C CYS A 133 -10.49 0.69 -6.66
N LYS A 134 -9.85 -0.31 -7.27
CA LYS A 134 -10.20 -1.70 -7.06
C LYS A 134 -9.11 -2.59 -6.49
N ALA A 135 -7.92 -2.04 -6.29
CA ALA A 135 -6.86 -2.81 -5.63
C ALA A 135 -5.85 -1.88 -5.00
N ILE A 136 -5.18 -2.40 -4.00
CA ILE A 136 -4.01 -1.77 -3.39
C ILE A 136 -2.86 -2.77 -3.55
N TYR A 137 -1.70 -2.34 -4.00
CA TYR A 137 -0.58 -3.25 -4.23
C TYR A 137 0.72 -2.60 -3.82
N LEU A 138 1.72 -3.43 -3.57
CA LEU A 138 3.02 -2.97 -3.13
C LEU A 138 4.02 -4.08 -3.29
N HIS A 139 5.28 -3.73 -3.10
CA HIS A 139 6.36 -4.68 -3.16
C HIS A 139 7.17 -4.69 -1.87
N VAL A 140 7.63 -5.87 -1.49
CA VAL A 140 8.57 -6.04 -0.40
C VAL A 140 9.74 -6.95 -0.80
N LEU A 141 10.85 -6.80 -0.11
CA LEU A 141 11.94 -7.77 -0.18
C LEU A 141 11.46 -9.14 0.36
N THR A 142 11.86 -10.23 -0.28
CA THR A 142 11.41 -11.55 0.14
C THR A 142 11.90 -11.86 1.55
N THR A 143 12.99 -11.23 1.94
CA THR A 143 13.59 -11.41 3.26
C THR A 143 12.93 -10.59 4.36
N ASN A 144 12.02 -9.70 3.99
CA ASN A 144 11.42 -8.79 4.96
C ASN A 144 10.24 -9.38 5.70
N ASN A 145 10.52 -10.25 6.64
CA ASN A 145 9.49 -10.93 7.39
C ASN A 145 8.62 -9.99 8.18
N THR A 146 9.21 -8.94 8.73
CA THR A 146 8.42 -8.01 9.50
C THR A 146 7.34 -7.36 8.62
N ALA A 147 7.71 -6.95 7.42
CA ALA A 147 6.76 -6.37 6.49
C ALA A 147 5.77 -7.40 5.98
N ILE A 148 6.26 -8.59 5.69
CA ILE A 148 5.40 -9.64 5.18
C ILE A 148 4.30 -10.00 6.16
N ASN A 149 4.68 -10.15 7.41
CA ASN A 149 3.72 -10.43 8.45
C ASN A 149 2.72 -9.30 8.62
N PHE A 150 3.20 -8.07 8.55
CA PHE A 150 2.34 -6.94 8.75
C PHE A 150 1.27 -6.90 7.67
N TYR A 151 1.69 -7.09 6.44
CA TYR A 151 0.75 -7.09 5.33
C TYR A 151 -0.21 -8.29 5.27
N GLU A 152 0.34 -9.46 5.54
CA GLU A 152 -0.46 -10.69 5.55
C GLU A 152 -1.50 -10.62 6.66
N ASN A 153 -1.15 -10.07 7.79
CA ASN A 153 -2.08 -9.96 8.90
C ASN A 153 -3.15 -8.90 8.67
N ARG A 154 -2.94 -8.07 7.66
CA ARG A 154 -3.91 -7.09 7.23
C ARG A 154 -4.59 -7.48 5.89
N ASP A 155 -4.51 -8.76 5.59
CA ASP A 155 -5.26 -9.44 4.53
C ASP A 155 -4.75 -9.21 3.10
N PHE A 156 -3.57 -8.64 2.99
CA PHE A 156 -2.91 -8.59 1.69
C PHE A 156 -2.43 -9.99 1.36
N LYS A 157 -2.45 -10.32 0.09
CA LYS A 157 -2.05 -11.64 -0.37
C LYS A 157 -0.88 -11.57 -1.33
N GLN A 158 -0.01 -12.54 -1.21
CA GLN A 158 1.16 -12.62 -2.06
C GLN A 158 0.74 -12.99 -3.46
N HIS A 159 1.21 -12.18 -4.40
N HIS A 159 1.19 -12.16 -4.38
CA HIS A 159 0.74 -12.26 -5.78
CA HIS A 159 0.79 -12.32 -5.76
C HIS A 159 1.76 -12.71 -6.80
C HIS A 159 1.80 -12.78 -6.76
N HIS A 160 2.97 -12.09 -6.72
CA HIS A 160 4.04 -12.47 -7.65
C HIS A 160 5.36 -12.60 -6.93
N TYR A 161 6.21 -13.45 -7.46
CA TYR A 161 7.61 -13.52 -7.09
C TYR A 161 8.39 -12.78 -8.16
N LEU A 162 9.26 -11.87 -7.74
CA LEU A 162 10.04 -11.06 -8.64
C LEU A 162 11.53 -11.23 -8.42
N PRO A 163 12.18 -12.04 -9.21
CA PRO A 163 13.59 -12.29 -8.96
C PRO A 163 14.47 -11.09 -9.25
N TYR A 164 15.38 -10.79 -8.33
CA TYR A 164 16.35 -9.74 -8.53
C TYR A 164 15.69 -8.39 -8.88
N TYR A 165 14.61 -8.12 -8.19
CA TYR A 165 13.86 -6.87 -8.24
C TYR A 165 14.57 -5.67 -7.62
N TYR A 166 15.32 -5.91 -6.57
CA TYR A 166 15.91 -4.86 -5.75
C TYR A 166 17.43 -4.91 -5.80
N SER A 167 18.05 -3.80 -5.43
CA SER A 167 19.49 -3.74 -5.17
C SER A 167 19.79 -3.25 -3.75
N ILE A 168 20.55 -4.02 -2.99
CA ILE A 168 21.03 -3.56 -1.71
C ILE A 168 22.53 -3.42 -1.84
N ARG A 169 23.02 -2.19 -1.85
CA ARG A 169 24.45 -1.92 -1.97
C ARG A 169 25.06 -2.60 -3.19
N GLY A 170 24.32 -2.58 -4.30
CA GLY A 170 24.74 -3.19 -5.54
C GLY A 170 24.45 -4.68 -5.70
N VAL A 171 23.95 -5.32 -4.66
CA VAL A 171 23.69 -6.74 -4.75
C VAL A 171 22.19 -6.96 -4.97
N LEU A 172 21.85 -7.65 -6.04
CA LEU A 172 20.46 -7.89 -6.39
C LEU A 172 19.74 -8.82 -5.43
N LYS A 173 18.48 -8.49 -5.13
CA LYS A 173 17.68 -9.24 -4.18
C LYS A 173 16.27 -9.43 -4.71
N ASP A 174 15.67 -10.55 -4.38
CA ASP A 174 14.31 -10.86 -4.81
C ASP A 174 13.23 -10.06 -4.06
N GLY A 175 12.11 -9.91 -4.72
CA GLY A 175 10.93 -9.28 -4.16
C GLY A 175 9.63 -10.04 -4.37
N PHE A 176 8.59 -9.61 -3.65
CA PHE A 176 7.22 -10.09 -3.81
C PHE A 176 6.31 -8.89 -4.10
N THR A 177 5.25 -9.13 -4.83
CA THR A 177 4.12 -8.21 -4.92
C THR A 177 3.04 -8.71 -3.99
N TYR A 178 2.46 -7.81 -3.23
CA TYR A 178 1.30 -8.09 -2.38
C TYR A 178 0.11 -7.29 -2.84
N VAL A 179 -1.06 -7.89 -2.79
N VAL A 179 -1.14 -7.94 -2.78
CA VAL A 179 -2.26 -7.24 -3.26
CA VAL A 179 -2.35 -7.29 -3.25
C VAL A 179 -3.44 -7.41 -2.28
C VAL A 179 -3.53 -7.45 -2.27
N LEU A 180 -4.20 -6.34 -2.14
CA LEU A 180 -5.49 -6.35 -1.45
C LEU A 180 -6.56 -5.85 -2.41
N TYR A 181 -7.55 -6.66 -2.67
CA TYR A 181 -8.63 -6.20 -3.55
C TYR A 181 -9.65 -5.41 -2.75
N ILE A 182 -10.16 -4.35 -3.34
CA ILE A 182 -11.19 -3.55 -2.69
C ILE A 182 -12.26 -3.19 -3.70
N ASN A 183 -13.45 -2.91 -3.18
CA ASN A 183 -14.54 -2.43 -4.02
C ASN A 183 -14.85 -3.33 -5.20
N GLY A 184 -14.79 -4.63 -4.99
CA GLY A 184 -15.06 -5.59 -6.02
C GLY A 184 -13.93 -5.96 -6.98
N GLY A 185 -12.73 -5.49 -6.74
CA GLY A 185 -11.63 -5.84 -7.58
C GLY A 185 -11.37 -7.33 -7.50
N HIS A 186 -10.88 -7.89 -8.59
CA HIS A 186 -10.48 -9.28 -8.66
C HIS A 186 -9.50 -9.47 -9.82
N PRO A 187 -8.74 -10.54 -9.81
CA PRO A 187 -7.78 -10.82 -10.87
C PRO A 187 -8.45 -11.26 -12.16
N PRO A 188 -7.71 -11.21 -13.24
CA PRO A 188 -8.20 -11.69 -14.53
C PRO A 188 -8.37 -13.18 -14.55
N TRP A 189 -9.41 -13.61 -15.26
CA TRP A 189 -9.67 -15.00 -15.54
C TRP A 189 -10.01 -15.14 -17.01
N THR A 190 -9.57 -16.20 -17.64
CA THR A 190 -10.16 -16.53 -18.91
C THR A 190 -11.59 -16.98 -18.63
N ILE A 191 -12.47 -16.85 -19.62
CA ILE A 191 -13.84 -17.25 -19.44
C ILE A 191 -13.90 -18.74 -19.15
N LEU A 192 -13.12 -19.50 -19.89
CA LEU A 192 -13.14 -20.93 -19.69
C LEU A 192 -12.66 -21.34 -18.30
N ASP A 193 -11.63 -20.69 -17.81
CA ASP A 193 -11.17 -20.97 -16.46
C ASP A 193 -12.20 -20.55 -15.43
N TYR A 194 -12.81 -19.40 -15.66
CA TYR A 194 -13.78 -18.89 -14.71
C TYR A 194 -15.00 -19.78 -14.57
N ILE A 195 -15.49 -20.28 -15.68
CA ILE A 195 -16.65 -21.16 -15.59
C ILE A 195 -16.35 -22.47 -14.85
N GLN A 196 -15.12 -22.96 -14.97
CA GLN A 196 -14.72 -24.10 -14.17
C GLN A 196 -14.76 -23.79 -12.69
N HIS A 197 -14.25 -22.63 -12.32
CA HIS A 197 -14.24 -22.19 -10.95
C HIS A 197 -15.65 -21.97 -10.39
N LEU A 198 -16.55 -21.56 -11.27
CA LEU A 198 -17.88 -21.18 -10.91
C LEU A 198 -18.64 -22.33 -10.28
N GLY A 199 -18.36 -23.54 -10.74
CA GLY A 199 -19.05 -24.71 -10.24
C GLY A 199 -18.85 -24.83 -8.73
N SER A 200 -17.66 -24.56 -8.22
CA SER A 200 -17.46 -24.52 -6.78
C SER A 200 -18.24 -23.41 -6.07
N ALA A 201 -18.29 -22.23 -6.66
CA ALA A 201 -19.05 -21.09 -6.13
C ALA A 201 -20.56 -21.30 -6.06
N LEU A 202 -21.13 -21.98 -7.06
CA LEU A 202 -22.58 -22.20 -7.10
C LEU A 202 -23.03 -23.47 -6.40
N ALA A 203 -22.08 -24.25 -5.90
CA ALA A 203 -22.36 -25.57 -5.33
C ALA A 203 -23.27 -25.45 -4.15
N SER A 204 -23.19 -24.30 -3.49
CA SER A 204 -23.98 -24.08 -2.30
C SER A 204 -25.47 -24.00 -2.59
N LEU A 205 -25.84 -23.65 -3.81
CA LEU A 205 -27.24 -23.52 -4.17
C LEU A 205 -27.91 -24.88 -4.23
N SER A 206 -29.07 -25.01 -3.62
CA SER A 206 -29.85 -26.24 -3.70
C SER A 206 -30.42 -26.39 -5.09
N PRO A 207 -30.43 -27.60 -5.63
CA PRO A 207 -30.94 -27.80 -6.99
C PRO A 207 -32.38 -27.35 -7.08
N CYS A 208 -33.12 -27.46 -5.98
CA CYS A 208 -34.51 -27.04 -5.95
C CYS A 208 -34.70 -25.55 -6.18
N SER A 209 -33.71 -24.72 -5.87
CA SER A 209 -33.86 -23.27 -5.98
C SER A 209 -33.59 -22.77 -7.38
N ILE A 210 -33.11 -23.66 -8.23
CA ILE A 210 -32.67 -23.25 -9.53
C ILE A 210 -33.60 -23.75 -10.58
N PRO A 211 -34.08 -22.86 -11.42
CA PRO A 211 -35.12 -23.26 -12.36
C PRO A 211 -34.64 -24.41 -13.25
N HIS A 212 -35.49 -25.41 -13.41
CA HIS A 212 -35.09 -26.64 -14.08
C HIS A 212 -36.32 -27.47 -14.46
N1A ACO B . 1.08 -2.11 21.05
N1A ACO B . 1.17 -2.19 21.05
C2A ACO B . 2.00 -3.12 20.88
C2A ACO B . 2.06 -3.23 20.89
N3A ACO B . 2.06 -3.75 19.64
N3A ACO B . 2.11 -3.87 19.65
C4A ACO B . 1.25 -3.40 18.66
C4A ACO B . 1.32 -3.51 18.67
C5A ACO B . 0.38 -2.46 18.84
C5A ACO B . 0.48 -2.53 18.85
C6A ACO B . 0.29 -1.83 19.99
C6A ACO B . 0.41 -1.89 19.99
N6A ACO B . -0.64 -0.89 20.06
N6A ACO B . -0.47 -0.91 20.05
N7A ACO B . -0.31 -2.33 17.74
N7A ACO B . -0.20 -2.38 17.75
C8A ACO B . 0.14 -3.20 16.86
C8A ACO B . 0.22 -3.27 16.88
N9A ACO B . 1.10 -3.86 17.43
N9A ACO B . 1.16 -3.97 17.45
C1B ACO B . 1.95 -4.89 16.96
C1B ACO B . 1.83 -5.04 16.76
C2B ACO B . 1.28 -5.93 16.20
C2B ACO B . 1.00 -5.44 15.56
O2B ACO B . 1.78 -7.16 16.83
O2B ACO B . 0.29 -6.61 15.85
C3B ACO B . 1.78 -5.79 14.77
C3B ACO B . 1.90 -5.71 14.49
O3B ACO B . 2.13 -7.11 14.38
O3B ACO B . 2.12 -7.11 14.39
P3B ACO B . 1.94 -7.86 13.03
P3B ACO B . 1.94 -7.87 13.04
O7A ACO B . 0.54 -7.72 12.79
O7A ACO B . 0.55 -7.73 12.80
O8A ACO B . 2.80 -7.16 12.15
O8A ACO B . 2.81 -7.17 12.14
O9A ACO B . 2.40 -9.19 13.34
O9A ACO B . 2.41 -9.21 13.35
C4B ACO B . 3.03 -5.00 14.95
C4B ACO B . 3.12 -4.98 14.89
O4B ACO B . 2.89 -4.34 16.16
O4B ACO B . 2.89 -4.40 16.18
C5B ACO B . 3.20 -3.94 13.86
C5B ACO B . 3.28 -3.87 13.87
O5B ACO B . 2.09 -3.08 13.79
O5B ACO B . 2.12 -3.08 13.79
P1A ACO B . 2.23 -1.52 13.82
P1A ACO B . 2.22 -1.51 13.82
O1A ACO B . 0.95 -1.04 13.35
O1A ACO B . 0.95 -1.04 13.35
O2A ACO B . 2.70 -1.03 15.09
O2A ACO B . 2.70 -1.03 15.09
O3A ACO B . 3.29 -1.20 12.73
O3A ACO B . 3.29 -1.19 12.73
P2A ACO B . 4.69 -0.36 12.84
P2A ACO B . 4.69 -0.36 12.84
O4A ACO B . 4.49 1.02 13.23
O4A ACO B . 4.49 1.02 13.23
O5A ACO B . 5.62 -1.17 13.63
O5A ACO B . 5.62 -1.17 13.63
O6A ACO B . 5.22 -0.33 11.40
O6A ACO B . 5.22 -0.33 11.40
CBP ACO B . 6.47 -1.34 9.63
CBP ACO B . 6.47 -1.34 9.63
CCP ACO B . 5.36 -1.51 10.66
CCP ACO B . 5.36 -1.51 10.66
CDP ACO B . 6.09 -0.19 8.71
CDP ACO B . 6.09 -0.19 8.71
CEP ACO B . 6.58 -2.59 8.77
CEP ACO B . 6.58 -2.59 8.77
CAP ACO B . 7.83 -1.11 10.33
CAP ACO B . 7.83 -1.11 10.33
OAP ACO B . 8.32 -2.33 10.82
OAP ACO B . 8.32 -2.33 10.82
C9P ACO B . 8.90 -0.55 9.41
C9P ACO B . 8.90 -0.55 9.41
O9P ACO B . 8.98 0.63 9.16
O9P ACO B . 8.98 0.63 9.16
N8P ACO B . 9.77 -1.42 8.95
N8P ACO B . 9.77 -1.42 8.95
C7P ACO B . 10.86 -1.03 8.05
C7P ACO B . 10.86 -1.03 8.05
C6P ACO B . 10.39 -0.57 6.68
C6P ACO B . 10.39 -0.57 6.68
C5P ACO B . 9.51 -1.62 6.03
C5P ACO B . 9.51 -1.62 6.03
O5P ACO B . 9.73 -2.80 6.13
O5P ACO B . 9.73 -2.80 6.13
N4P ACO B . 8.50 -1.09 5.39
N4P ACO B . 8.50 -1.09 5.39
C3P ACO B . 7.45 -1.87 4.74
C3P ACO B . 7.45 -1.87 4.74
C2P ACO B . 7.95 -2.55 3.52
C2P ACO B . 7.95 -2.55 3.52
S1P ACO B . 8.21 -1.41 2.12
S1P ACO B . 8.21 -1.41 2.12
C ACO B . 6.60 -1.20 1.50
C ACO B . 6.60 -1.20 1.50
O ACO B . 5.60 -1.56 2.06
O ACO B . 5.60 -1.56 2.06
CH3 ACO B . 6.55 -0.48 0.17
CH3 ACO B . 6.55 -0.48 0.17
C1 MLA C . 11.17 -1.41 0.09
O1A MLA C . 11.74 -0.88 1.04
O1B MLA C . 10.70 -0.83 -0.90
C2 MLA C . 11.01 -2.91 0.17
C3 MLA C . 11.32 -3.47 1.57
O3A MLA C . 11.02 -4.63 1.79
O3B MLA C . 11.81 -2.72 2.41
C1 MLA D . 8.32 8.51 -8.98
O1A MLA D . 7.49 8.96 -9.77
O1B MLA D . 9.35 9.09 -8.59
C2 MLA D . 8.06 7.10 -8.50
C3 MLA D . 7.23 6.39 -9.57
O3A MLA D . 7.90 5.88 -10.48
O3B MLA D . 5.96 6.55 -9.50
#